data_1RE1
#
_entry.id   1RE1
#
_cell.length_a   69.780
_cell.length_b   83.760
_cell.length_c   95.910
_cell.angle_alpha   90.00
_cell.angle_beta   90.00
_cell.angle_gamma   90.00
#
_symmetry.space_group_name_H-M   'I 2 2 2'
#
loop_
_entity.id
_entity.type
_entity.pdbx_description
1 polymer Caspase-3
2 polymer Caspase-3
3 non-polymer '(3S)-3-{[(5-BROMOPYRIDIN-3-YL)CARBONYL]AMINO}-4-OXOBUTANOIC ACID'
4 water water
#
loop_
_entity_poly.entity_id
_entity_poly.type
_entity_poly.pdbx_seq_one_letter_code
_entity_poly.pdbx_strand_id
1 'polypeptide(L)'
;SGISLDNSYKMDYPEMGLCIIINNKNFHKSTGMTSRSGTDVDAANLRETFRNLKYEVRNKNDLTREEIVELMRDVSKEDH
SKRSSFVCVLLSHGEEGIIFGTNGPVDLKKITNFFRGDRCRSLTGKPKLFIIQACRGTELDCGIETD
;
A
2 'polypeptide(L)'
;SGVDDDMACHKIPVEADFLYAYSTAPGYYSWRNSKDGSWFIQSLCAMLKQYADKLEFMHILTRVNRKVATEFESFSFDAT
FHAKKQIPCIVSMLTKELYFYH
;
B
#
# COMPACT_ATOMS: atom_id res chain seq x y z
N ASP A 6 25.54 -2.67 -12.17
CA ASP A 6 24.47 -3.15 -11.26
C ASP A 6 23.16 -2.40 -11.50
N ASN A 7 22.09 -3.15 -11.76
CA ASN A 7 20.80 -2.55 -12.04
C ASN A 7 19.64 -3.06 -11.17
N SER A 8 19.98 -3.76 -10.09
CA SER A 8 18.95 -4.26 -9.19
C SER A 8 19.32 -3.80 -7.79
N TYR A 9 18.31 -3.55 -6.96
CA TYR A 9 18.54 -3.10 -5.59
C TYR A 9 19.19 -4.17 -4.74
N LYS A 10 20.15 -3.75 -3.91
CA LYS A 10 20.85 -4.65 -3.03
C LYS A 10 19.88 -5.07 -1.92
N MET A 11 19.44 -6.33 -1.97
CA MET A 11 18.51 -6.87 -0.99
C MET A 11 19.20 -7.91 -0.13
N ASP A 12 20.51 -7.83 -0.01
CA ASP A 12 21.26 -8.80 0.77
C ASP A 12 21.71 -8.25 2.10
N TYR A 13 21.16 -7.11 2.49
CA TYR A 13 21.50 -6.52 3.77
C TYR A 13 21.09 -7.53 4.84
N PRO A 14 21.55 -7.33 6.08
CA PRO A 14 21.21 -8.24 7.16
C PRO A 14 19.72 -8.57 7.26
N GLU A 15 18.86 -7.58 7.07
CA GLU A 15 17.42 -7.81 7.15
C GLU A 15 16.67 -7.13 6.02
N MET A 16 15.57 -7.76 5.59
CA MET A 16 14.77 -7.22 4.49
C MET A 16 14.24 -5.82 4.78
N GLY A 17 14.00 -5.56 6.05
CA GLY A 17 13.49 -4.26 6.43
C GLY A 17 12.20 -4.31 7.24
N LEU A 18 11.60 -3.14 7.41
CA LEU A 18 10.36 -2.99 8.14
C LEU A 18 9.17 -3.03 7.19
N CYS A 19 8.05 -3.47 7.70
CA CYS A 19 6.82 -3.51 6.94
C CYS A 19 5.76 -3.02 7.92
N ILE A 20 5.43 -1.74 7.82
CA ILE A 20 4.45 -1.14 8.70
C ILE A 20 3.09 -1.22 8.03
N ILE A 21 2.14 -1.87 8.70
CA ILE A 21 0.80 -2.03 8.17
C ILE A 21 -0.16 -1.25 9.05
N ILE A 22 -0.71 -0.15 8.53
CA ILE A 22 -1.66 0.64 9.32
C ILE A 22 -3.05 0.26 8.85
N ASN A 23 -3.76 -0.48 9.68
CA ASN A 23 -5.09 -0.95 9.37
C ASN A 23 -6.18 -0.22 10.15
N ASN A 24 -6.82 0.73 9.48
CA ASN A 24 -7.86 1.52 10.10
C ASN A 24 -9.22 0.95 9.71
N LYS A 25 -9.93 0.41 10.69
CA LYS A 25 -11.23 -0.19 10.46
C LYS A 25 -12.36 0.62 11.08
N ASN A 26 -12.12 1.16 12.28
CA ASN A 26 -13.15 1.92 12.98
C ASN A 26 -12.79 3.39 13.13
N PHE A 27 -13.66 4.25 12.63
CA PHE A 27 -13.45 5.70 12.68
C PHE A 27 -14.34 6.40 13.69
N HIS A 28 -13.96 7.62 14.04
CA HIS A 28 -14.73 8.42 14.98
C HIS A 28 -16.04 8.85 14.33
N LYS A 29 -17.13 8.65 15.05
CA LYS A 29 -18.48 8.98 14.58
C LYS A 29 -18.57 10.34 13.88
N SER A 30 -17.87 11.34 14.41
CA SER A 30 -17.90 12.70 13.85
C SER A 30 -17.34 12.80 12.44
N THR A 31 -16.57 11.81 12.01
CA THR A 31 -15.98 11.83 10.67
C THR A 31 -17.03 11.44 9.64
N GLY A 32 -17.96 10.58 10.06
CA GLY A 32 -19.00 10.13 9.15
C GLY A 32 -18.51 9.01 8.26
N MET A 33 -17.39 8.41 8.64
CA MET A 33 -16.80 7.31 7.88
C MET A 33 -17.33 5.97 8.38
N THR A 34 -17.78 5.11 7.48
CA THR A 34 -18.30 3.80 7.85
C THR A 34 -17.13 2.88 8.15
N SER A 35 -17.39 1.83 8.94
CA SER A 35 -16.33 0.88 9.25
C SER A 35 -15.92 0.16 7.97
N ARG A 36 -14.63 -0.12 7.85
CA ARG A 36 -14.12 -0.79 6.66
C ARG A 36 -14.05 -2.30 6.89
N SER A 37 -15.22 -2.92 6.93
CA SER A 37 -15.32 -4.36 7.15
C SER A 37 -14.49 -5.17 6.17
N GLY A 38 -13.84 -6.22 6.69
CA GLY A 38 -13.03 -7.07 5.85
C GLY A 38 -11.57 -6.65 5.81
N THR A 39 -11.29 -5.40 6.16
CA THR A 39 -9.91 -4.92 6.14
C THR A 39 -9.02 -5.75 7.06
N ASP A 40 -9.62 -6.38 8.07
CA ASP A 40 -8.85 -7.22 8.99
C ASP A 40 -8.27 -8.39 8.21
N VAL A 41 -9.02 -8.87 7.23
CA VAL A 41 -8.55 -9.97 6.41
C VAL A 41 -7.29 -9.52 5.66
N ASP A 42 -7.37 -8.35 5.04
CA ASP A 42 -6.22 -7.82 4.32
C ASP A 42 -5.02 -7.69 5.25
N ALA A 43 -5.25 -7.20 6.47
CA ALA A 43 -4.19 -7.01 7.43
C ALA A 43 -3.47 -8.31 7.78
N ALA A 44 -4.26 -9.36 8.03
CA ALA A 44 -3.71 -10.65 8.39
C ALA A 44 -2.91 -11.18 7.22
N ASN A 45 -3.53 -11.16 6.04
CA ASN A 45 -2.93 -11.64 4.80
C ASN A 45 -1.58 -10.96 4.56
N LEU A 46 -1.61 -9.63 4.52
CA LEU A 46 -0.41 -8.83 4.31
C LEU A 46 0.67 -9.22 5.30
N ARG A 47 0.27 -9.35 6.56
CA ARG A 47 1.16 -9.73 7.65
C ARG A 47 1.82 -11.07 7.36
N GLU A 48 1.00 -12.06 6.97
CA GLU A 48 1.51 -13.39 6.67
C GLU A 48 2.46 -13.37 5.48
N THR A 49 2.04 -12.68 4.43
CA THR A 49 2.83 -12.59 3.22
C THR A 49 4.18 -11.91 3.42
N PHE A 50 4.17 -10.73 4.01
CA PHE A 50 5.43 -10.05 4.22
C PHE A 50 6.26 -10.74 5.28
N ARG A 51 5.61 -11.54 6.13
CA ARG A 51 6.36 -12.26 7.13
C ARG A 51 7.22 -13.26 6.38
N ASN A 52 6.61 -13.96 5.43
CA ASN A 52 7.34 -14.94 4.64
C ASN A 52 8.35 -14.32 3.72
N LEU A 53 8.19 -13.04 3.42
CA LEU A 53 9.18 -12.36 2.58
C LEU A 53 10.33 -11.91 3.46
N LYS A 54 10.27 -12.26 4.74
CA LYS A 54 11.28 -11.92 5.75
C LYS A 54 11.36 -10.47 6.22
N TYR A 55 10.23 -9.77 6.18
CA TYR A 55 10.21 -8.40 6.64
C TYR A 55 9.78 -8.39 8.08
N GLU A 56 10.24 -7.41 8.85
CA GLU A 56 9.81 -7.31 10.23
C GLU A 56 8.47 -6.58 10.07
N VAL A 57 7.38 -7.24 10.44
CA VAL A 57 6.04 -6.66 10.31
C VAL A 57 5.51 -6.10 11.61
N ARG A 58 4.91 -4.92 11.55
CA ARG A 58 4.32 -4.28 12.71
C ARG A 58 2.93 -3.82 12.30
N ASN A 59 1.91 -4.39 12.92
CA ASN A 59 0.54 -4.00 12.61
C ASN A 59 0.05 -2.97 13.59
N LYS A 60 -0.51 -1.89 13.07
CA LYS A 60 -1.06 -0.86 13.92
C LYS A 60 -2.50 -0.74 13.47
N ASN A 61 -3.43 -0.76 14.41
CA ASN A 61 -4.84 -0.65 14.05
C ASN A 61 -5.48 0.61 14.58
N ASP A 62 -6.42 1.13 13.80
CA ASP A 62 -7.18 2.34 14.13
C ASP A 62 -6.37 3.48 14.75
N LEU A 63 -5.40 4.00 14.01
CA LEU A 63 -4.59 5.10 14.51
C LEU A 63 -5.26 6.42 14.12
N THR A 64 -5.13 7.41 15.00
CA THR A 64 -5.70 8.73 14.71
C THR A 64 -4.74 9.38 13.73
N ARG A 65 -5.16 10.48 13.11
CA ARG A 65 -4.28 11.15 12.16
C ARG A 65 -2.98 11.49 12.87
N GLU A 66 -3.08 11.95 14.11
CA GLU A 66 -1.91 12.29 14.90
C GLU A 66 -0.97 11.10 15.02
N GLU A 67 -1.51 9.99 15.52
CA GLU A 67 -0.73 8.79 15.70
C GLU A 67 -0.05 8.35 14.42
N ILE A 68 -0.72 8.53 13.29
CA ILE A 68 -0.13 8.14 12.01
C ILE A 68 1.16 8.93 11.75
N VAL A 69 1.10 10.25 11.90
CA VAL A 69 2.28 11.07 11.68
C VAL A 69 3.35 10.73 12.72
N GLU A 70 2.92 10.67 13.97
CA GLU A 70 3.80 10.35 15.10
C GLU A 70 4.53 9.03 14.77
N LEU A 71 3.78 8.08 14.22
CA LEU A 71 4.34 6.80 13.88
C LEU A 71 5.37 6.91 12.76
N MET A 72 5.00 7.59 11.69
CA MET A 72 5.92 7.72 10.57
C MET A 72 7.16 8.50 10.98
N ARG A 73 6.98 9.54 11.79
CA ARG A 73 8.12 10.30 12.27
C ARG A 73 9.06 9.34 12.99
N ASP A 74 8.55 8.66 14.00
CA ASP A 74 9.34 7.72 14.78
C ASP A 74 10.02 6.62 13.94
N VAL A 75 9.30 6.08 12.96
CA VAL A 75 9.86 5.03 12.10
C VAL A 75 10.99 5.58 11.23
N SER A 76 10.81 6.79 10.73
CA SER A 76 11.83 7.43 9.90
C SER A 76 13.11 7.77 10.68
N LYS A 77 12.96 7.99 11.99
CA LYS A 77 14.09 8.32 12.85
C LYS A 77 14.87 7.10 13.33
N GLU A 78 14.40 5.91 12.98
CA GLU A 78 15.11 4.70 13.36
C GLU A 78 16.30 4.52 12.43
N ASP A 79 17.19 3.60 12.80
CA ASP A 79 18.36 3.34 11.98
C ASP A 79 18.10 2.16 11.05
N HIS A 80 18.05 2.43 9.76
CA HIS A 80 17.80 1.41 8.75
C HIS A 80 19.07 1.01 8.02
N SER A 81 20.21 1.27 8.65
CA SER A 81 21.49 0.95 8.05
C SER A 81 21.60 -0.51 7.61
N LYS A 82 21.15 -1.43 8.46
CA LYS A 82 21.23 -2.85 8.18
C LYS A 82 20.02 -3.41 7.43
N ARG A 83 19.09 -2.55 7.07
CA ARG A 83 17.90 -2.98 6.36
C ARG A 83 18.02 -2.73 4.85
N SER A 84 17.34 -3.56 4.07
CA SER A 84 17.36 -3.47 2.61
C SER A 84 16.30 -2.54 2.04
N SER A 85 15.11 -2.60 2.61
CA SER A 85 14.02 -1.81 2.13
C SER A 85 13.05 -1.43 3.24
N PHE A 86 12.05 -0.64 2.86
CA PHE A 86 11.01 -0.18 3.77
C PHE A 86 9.69 -0.33 3.04
N VAL A 87 8.72 -0.92 3.72
CA VAL A 87 7.40 -1.13 3.14
C VAL A 87 6.36 -0.58 4.10
N CYS A 88 5.44 0.20 3.57
CA CYS A 88 4.40 0.78 4.40
C CYS A 88 3.05 0.55 3.75
N VAL A 89 2.18 -0.18 4.45
CA VAL A 89 0.85 -0.46 3.93
C VAL A 89 -0.23 0.32 4.68
N LEU A 90 -0.99 1.09 3.92
CA LEU A 90 -2.05 1.89 4.48
C LEU A 90 -3.39 1.33 4.02
N LEU A 91 -4.20 0.91 4.98
CA LEU A 91 -5.52 0.38 4.71
C LEU A 91 -6.51 1.30 5.38
N SER A 92 -7.28 2.04 4.59
CA SER A 92 -8.23 2.98 5.15
C SER A 92 -9.06 3.64 4.06
N HIS A 93 -9.87 4.61 4.47
CA HIS A 93 -10.70 5.40 3.55
C HIS A 93 -9.74 6.44 3.02
N GLY A 94 -10.16 7.17 2.00
CA GLY A 94 -9.30 8.19 1.46
C GLY A 94 -9.81 8.84 0.20
N GLU A 95 -9.03 9.77 -0.30
CA GLU A 95 -9.33 10.47 -1.53
C GLU A 95 -7.97 10.77 -2.14
N GLU A 96 -7.96 11.29 -3.36
CA GLU A 96 -6.71 11.59 -4.03
C GLU A 96 -5.72 12.32 -3.12
N GLY A 97 -4.55 11.71 -2.93
CA GLY A 97 -3.51 12.28 -2.10
C GLY A 97 -3.82 12.35 -0.62
N ILE A 98 -4.82 11.58 -0.19
CA ILE A 98 -5.22 11.59 1.20
C ILE A 98 -5.66 10.23 1.71
N ILE A 99 -5.34 9.93 2.97
CA ILE A 99 -5.80 8.70 3.61
C ILE A 99 -6.29 9.17 4.96
N PHE A 100 -7.34 8.53 5.46
CA PHE A 100 -7.91 8.93 6.73
C PHE A 100 -7.39 8.22 7.97
N GLY A 101 -7.05 9.03 8.98
CA GLY A 101 -6.64 8.48 10.24
C GLY A 101 -8.04 8.23 10.81
N THR A 102 -8.13 7.71 12.02
CA THR A 102 -9.45 7.44 12.55
C THR A 102 -10.27 8.69 12.88
N ASN A 103 -9.59 9.83 13.05
CA ASN A 103 -10.28 11.06 13.43
C ASN A 103 -10.19 12.18 12.40
N GLY A 104 -9.61 11.88 11.24
CA GLY A 104 -9.50 12.90 10.22
C GLY A 104 -8.50 12.48 9.17
N PRO A 105 -8.32 13.28 8.12
CA PRO A 105 -7.40 12.99 7.01
C PRO A 105 -5.94 13.35 7.26
N VAL A 106 -5.08 12.67 6.51
CA VAL A 106 -3.66 12.87 6.56
C VAL A 106 -3.25 12.83 5.10
N ASP A 107 -2.69 13.91 4.58
CA ASP A 107 -2.31 13.86 3.17
C ASP A 107 -1.10 12.95 3.03
N LEU A 108 -1.08 12.17 1.96
CA LEU A 108 0.01 11.23 1.72
C LEU A 108 1.37 11.90 1.73
N LYS A 109 1.48 13.01 1.04
CA LYS A 109 2.75 13.74 0.96
C LYS A 109 3.39 13.90 2.34
N LYS A 110 2.61 14.31 3.33
CA LYS A 110 3.12 14.52 4.67
C LYS A 110 3.80 13.32 5.34
N ILE A 111 3.25 12.13 5.17
CA ILE A 111 3.88 10.96 5.79
C ILE A 111 4.91 10.32 4.89
N THR A 112 4.99 10.80 3.66
CA THR A 112 5.95 10.26 2.72
C THR A 112 7.25 11.06 2.78
N ASN A 113 7.14 12.33 3.10
CA ASN A 113 8.32 13.18 3.19
C ASN A 113 9.27 12.71 4.29
N PHE A 114 8.76 12.01 5.30
CA PHE A 114 9.60 11.51 6.37
C PHE A 114 10.66 10.56 5.84
N PHE A 115 10.38 9.96 4.69
CA PHE A 115 11.31 8.99 4.12
C PHE A 115 12.11 9.44 2.91
N ARG A 116 11.97 10.69 2.49
CA ARG A 116 12.72 11.10 1.34
C ARG A 116 14.21 11.36 1.60
N GLY A 117 15.00 11.04 0.57
CA GLY A 117 16.45 11.18 0.60
C GLY A 117 17.12 11.97 1.70
N ASP A 118 16.80 13.25 1.77
CA ASP A 118 17.38 14.16 2.75
C ASP A 118 16.88 13.97 4.20
N ARG A 119 15.65 13.51 4.36
CA ARG A 119 15.12 13.31 5.71
C ARG A 119 15.55 11.98 6.32
N CYS A 120 15.37 10.89 5.60
CA CYS A 120 15.76 9.59 6.14
C CYS A 120 16.99 9.08 5.41
N ARG A 121 18.15 9.46 5.91
CA ARG A 121 19.43 9.09 5.33
C ARG A 121 19.77 7.60 5.40
N SER A 122 19.15 6.86 6.31
CA SER A 122 19.42 5.43 6.42
C SER A 122 18.74 4.65 5.32
N LEU A 123 17.80 5.28 4.62
CA LEU A 123 17.08 4.60 3.55
C LEU A 123 17.46 5.12 2.16
N THR A 124 18.32 6.13 2.14
CA THR A 124 18.76 6.73 0.87
C THR A 124 19.33 5.68 -0.07
N GLY A 125 18.76 5.60 -1.27
CA GLY A 125 19.24 4.63 -2.25
C GLY A 125 18.61 3.26 -2.08
N LYS A 126 17.69 3.15 -1.14
CA LYS A 126 17.00 1.89 -0.90
C LYS A 126 15.53 2.06 -1.30
N PRO A 127 14.90 0.96 -1.74
CA PRO A 127 13.49 1.00 -2.14
C PRO A 127 12.51 1.29 -1.00
N LYS A 128 11.72 2.33 -1.18
CA LYS A 128 10.71 2.73 -0.21
C LYS A 128 9.38 2.45 -0.88
N LEU A 129 8.72 1.38 -0.43
CA LEU A 129 7.45 0.97 -1.00
C LEU A 129 6.22 1.33 -0.18
N PHE A 130 5.23 1.90 -0.86
CA PHE A 130 3.99 2.29 -0.21
C PHE A 130 2.82 1.63 -0.91
N ILE A 131 2.13 0.76 -0.19
CA ILE A 131 0.99 0.04 -0.72
C ILE A 131 -0.22 0.68 -0.06
N ILE A 132 -1.13 1.18 -0.88
CA ILE A 132 -2.28 1.87 -0.35
C ILE A 132 -3.62 1.32 -0.82
N GLN A 133 -4.38 0.80 0.12
CA GLN A 133 -5.71 0.30 -0.18
C GLN A 133 -6.62 1.38 0.37
N ALA A 134 -7.07 2.28 -0.50
CA ALA A 134 -7.94 3.39 -0.09
C ALA A 134 -8.46 4.06 -1.35
N CYS A 135 -9.69 4.57 -1.31
CA CYS A 135 -10.23 5.23 -2.49
C CYS A 135 -9.40 6.47 -2.82
N ARG A 136 -9.40 6.83 -4.09
CA ARG A 136 -8.70 8.02 -4.56
C ARG A 136 -9.76 8.95 -5.13
N GLY A 137 -10.99 8.78 -4.65
CA GLY A 137 -12.08 9.60 -5.17
C GLY A 137 -13.35 8.76 -5.24
N THR A 138 -14.31 9.20 -6.03
CA THR A 138 -15.58 8.49 -6.12
C THR A 138 -16.00 8.05 -7.52
N GLU A 139 -15.18 8.32 -8.53
CA GLU A 139 -15.53 7.90 -9.88
C GLU A 139 -15.59 6.38 -9.94
N LEU A 140 -16.48 5.85 -10.78
CA LEU A 140 -16.63 4.41 -10.93
C LEU A 140 -16.31 3.97 -12.37
N ASP A 141 -15.70 2.79 -12.49
CA ASP A 141 -15.31 2.24 -13.79
C ASP A 141 -16.36 1.22 -14.21
N CYS A 142 -17.10 1.56 -15.26
CA CYS A 142 -18.17 0.69 -15.76
C CYS A 142 -17.69 -0.42 -16.67
N GLY A 143 -16.38 -0.46 -16.89
CA GLY A 143 -15.82 -1.50 -17.73
C GLY A 143 -16.33 -1.45 -19.16
N ILE A 144 -15.82 -2.37 -19.97
CA ILE A 144 -16.20 -2.48 -21.37
C ILE A 144 -16.00 -3.93 -21.82
N GLU A 145 -16.63 -4.30 -22.93
CA GLU A 145 -16.53 -5.65 -23.49
C GLU A 145 -16.91 -6.71 -22.46
N LYS B 11 25.06 12.39 -6.25
CA LYS B 11 23.83 13.13 -5.81
C LYS B 11 22.58 12.62 -6.57
N ILE B 12 21.53 12.26 -5.84
CA ILE B 12 20.28 11.78 -6.46
C ILE B 12 19.08 12.56 -5.93
N PRO B 13 17.94 12.47 -6.63
CA PRO B 13 16.71 13.17 -6.24
C PRO B 13 16.17 12.67 -4.90
N VAL B 14 15.61 13.55 -4.09
CA VAL B 14 15.08 13.15 -2.80
C VAL B 14 13.79 12.37 -2.97
N GLU B 15 13.18 12.50 -4.15
CA GLU B 15 11.92 11.80 -4.42
C GLU B 15 12.15 10.43 -5.03
N ALA B 16 13.42 10.13 -5.33
CA ALA B 16 13.81 8.87 -5.94
C ALA B 16 13.68 7.65 -5.04
N ASP B 17 13.68 6.47 -5.66
CA ASP B 17 13.58 5.19 -4.97
C ASP B 17 12.26 5.01 -4.21
N PHE B 18 11.21 5.57 -4.77
CA PHE B 18 9.88 5.45 -4.18
C PHE B 18 9.02 4.66 -5.14
N LEU B 19 8.10 3.90 -4.57
CA LEU B 19 7.16 3.11 -5.36
C LEU B 19 5.83 3.18 -4.65
N TYR B 20 4.84 3.72 -5.34
CA TYR B 20 3.51 3.83 -4.78
C TYR B 20 2.64 2.87 -5.57
N ALA B 21 2.12 1.88 -4.88
CA ALA B 21 1.26 0.90 -5.51
C ALA B 21 -0.19 1.17 -5.08
N TYR B 22 -0.93 1.89 -5.93
CA TYR B 22 -2.31 2.21 -5.63
C TYR B 22 -3.25 1.10 -6.02
N SER B 23 -4.23 0.85 -5.16
CA SER B 23 -5.22 -0.17 -5.35
C SER B 23 -6.14 0.19 -6.49
N THR B 24 -6.10 1.46 -6.90
CA THR B 24 -6.99 1.88 -7.96
C THR B 24 -6.42 3.08 -8.74
N ALA B 25 -7.05 3.39 -9.87
CA ALA B 25 -6.61 4.50 -10.71
C ALA B 25 -6.95 5.82 -10.02
N PRO B 26 -6.29 6.90 -10.42
CA PRO B 26 -6.49 8.25 -9.87
C PRO B 26 -7.94 8.70 -9.94
N GLY B 27 -8.42 9.27 -8.84
CA GLY B 27 -9.79 9.77 -8.79
C GLY B 27 -10.88 8.73 -8.69
N TYR B 28 -10.49 7.46 -8.78
CA TYR B 28 -11.45 6.37 -8.71
C TYR B 28 -11.68 5.72 -7.36
N TYR B 29 -12.82 5.06 -7.27
CA TYR B 29 -13.29 4.31 -6.10
C TYR B 29 -12.43 3.05 -5.99
N SER B 30 -12.37 2.46 -4.81
CA SER B 30 -11.59 1.23 -4.61
C SER B 30 -12.43 0.22 -3.84
N TRP B 31 -12.71 -0.91 -4.47
CA TRP B 31 -13.53 -1.96 -3.88
C TRP B 31 -12.89 -2.83 -2.80
N ARG B 32 -13.75 -3.23 -1.87
CA ARG B 32 -13.38 -4.03 -0.72
C ARG B 32 -14.53 -5.00 -0.46
N ASN B 33 -14.21 -6.28 -0.24
CA ASN B 33 -15.25 -7.24 0.02
C ASN B 33 -15.28 -7.47 1.52
N SER B 34 -16.47 -7.41 2.11
CA SER B 34 -16.64 -7.59 3.55
C SER B 34 -16.01 -8.85 4.15
N LYS B 35 -15.85 -9.90 3.36
CA LYS B 35 -15.26 -11.13 3.88
C LYS B 35 -13.97 -11.57 3.18
N ASP B 36 -13.78 -11.19 1.93
CA ASP B 36 -12.57 -11.57 1.20
C ASP B 36 -11.46 -10.55 1.30
N GLY B 37 -11.82 -9.33 1.68
CA GLY B 37 -10.83 -8.26 1.78
C GLY B 37 -10.92 -7.37 0.56
N SER B 38 -9.95 -6.49 0.37
CA SER B 38 -9.98 -5.59 -0.77
C SER B 38 -9.45 -6.32 -2.01
N TRP B 39 -10.11 -6.10 -3.14
CA TRP B 39 -9.70 -6.73 -4.39
C TRP B 39 -8.19 -6.62 -4.60
N PHE B 40 -7.68 -5.41 -4.40
CA PHE B 40 -6.26 -5.13 -4.58
C PHE B 40 -5.38 -5.93 -3.64
N ILE B 41 -5.66 -5.86 -2.34
CA ILE B 41 -4.85 -6.56 -1.38
C ILE B 41 -4.86 -8.08 -1.54
N GLN B 42 -6.03 -8.69 -1.64
CA GLN B 42 -6.04 -10.13 -1.78
C GLN B 42 -5.33 -10.56 -3.07
N SER B 43 -5.35 -9.71 -4.10
CA SER B 43 -4.67 -10.03 -5.35
C SER B 43 -3.17 -9.84 -5.17
N LEU B 44 -2.82 -8.78 -4.47
CA LEU B 44 -1.42 -8.48 -4.22
C LEU B 44 -0.78 -9.62 -3.48
N CYS B 45 -1.34 -9.94 -2.31
CA CYS B 45 -0.78 -11.02 -1.52
C CYS B 45 -0.65 -12.30 -2.33
N ALA B 46 -1.67 -12.61 -3.11
CA ALA B 46 -1.67 -13.81 -3.93
C ALA B 46 -0.51 -13.83 -4.92
N MET B 47 -0.28 -12.71 -5.60
CA MET B 47 0.80 -12.65 -6.58
C MET B 47 2.18 -12.67 -5.94
N LEU B 48 2.28 -12.16 -4.72
CA LEU B 48 3.56 -12.17 -4.04
C LEU B 48 3.93 -13.60 -3.69
N LYS B 49 2.94 -14.36 -3.22
CA LYS B 49 3.14 -15.77 -2.85
C LYS B 49 3.64 -16.63 -4.00
N GLN B 50 3.10 -16.42 -5.19
CA GLN B 50 3.52 -17.23 -6.32
C GLN B 50 4.71 -16.68 -7.08
N TYR B 51 4.93 -15.38 -7.02
CA TYR B 51 6.01 -14.81 -7.81
C TYR B 51 7.13 -14.07 -7.10
N ALA B 52 7.10 -13.99 -5.78
CA ALA B 52 8.14 -13.28 -5.08
C ALA B 52 9.53 -13.85 -5.41
N ASP B 53 9.61 -15.17 -5.52
CA ASP B 53 10.88 -15.82 -5.82
C ASP B 53 11.16 -16.01 -7.31
N LYS B 54 10.27 -15.53 -8.17
CA LYS B 54 10.46 -15.70 -9.61
C LYS B 54 10.44 -14.45 -10.47
N LEU B 55 9.89 -13.36 -9.96
CA LEU B 55 9.77 -12.14 -10.77
C LEU B 55 10.20 -10.82 -10.14
N GLU B 56 10.53 -9.88 -11.00
CA GLU B 56 10.92 -8.54 -10.57
C GLU B 56 9.62 -7.93 -10.10
N PHE B 57 9.70 -7.06 -9.09
CA PHE B 57 8.50 -6.47 -8.51
C PHE B 57 7.53 -5.80 -9.48
N MET B 58 8.03 -5.02 -10.43
CA MET B 58 7.13 -4.37 -11.39
C MET B 58 6.27 -5.40 -12.11
N HIS B 59 6.88 -6.50 -12.54
CA HIS B 59 6.15 -7.53 -13.24
C HIS B 59 5.15 -8.25 -12.35
N ILE B 60 5.41 -8.27 -11.04
CA ILE B 60 4.47 -8.91 -10.13
C ILE B 60 3.24 -8.03 -10.01
N LEU B 61 3.46 -6.73 -9.86
CA LEU B 61 2.35 -5.77 -9.74
C LEU B 61 1.51 -5.76 -11.01
N THR B 62 2.17 -5.97 -12.15
CA THR B 62 1.47 -6.00 -13.42
C THR B 62 0.51 -7.17 -13.41
N ARG B 63 0.95 -8.26 -12.77
CA ARG B 63 0.16 -9.48 -12.60
C ARG B 63 -1.03 -9.11 -11.72
N VAL B 64 -0.74 -8.35 -10.67
CA VAL B 64 -1.77 -7.90 -9.75
C VAL B 64 -2.79 -7.08 -10.52
N ASN B 65 -2.32 -6.19 -11.40
CA ASN B 65 -3.22 -5.36 -12.20
C ASN B 65 -4.14 -6.23 -13.04
N ARG B 66 -3.57 -7.10 -13.87
CA ARG B 66 -4.37 -7.97 -14.73
C ARG B 66 -5.37 -8.77 -13.90
N LYS B 67 -4.97 -9.26 -12.74
CA LYS B 67 -5.87 -10.06 -11.92
C LYS B 67 -7.07 -9.24 -11.45
N VAL B 68 -6.80 -8.12 -10.78
CA VAL B 68 -7.86 -7.26 -10.28
C VAL B 68 -8.74 -6.79 -11.42
N ALA B 69 -8.13 -6.51 -12.56
CA ALA B 69 -8.86 -6.02 -13.72
C ALA B 69 -9.74 -7.08 -14.35
N THR B 70 -9.25 -8.31 -14.29
CA THR B 70 -9.90 -9.44 -14.90
C THR B 70 -10.92 -10.22 -14.08
N GLU B 71 -10.53 -10.62 -12.89
CA GLU B 71 -11.35 -11.44 -12.05
C GLU B 71 -12.35 -10.79 -11.11
N PHE B 72 -12.42 -9.46 -11.09
CA PHE B 72 -13.34 -8.80 -10.17
C PHE B 72 -14.37 -7.87 -10.81
N GLU B 73 -15.58 -7.91 -10.28
CA GLU B 73 -16.65 -7.07 -10.75
C GLU B 73 -17.68 -6.91 -9.65
N SER B 74 -17.87 -5.66 -9.22
CA SER B 74 -18.82 -5.37 -8.16
C SER B 74 -20.23 -5.82 -8.46
N PHE B 75 -20.98 -6.04 -7.40
CA PHE B 75 -22.37 -6.45 -7.48
C PHE B 75 -23.07 -5.64 -6.40
N SER B 76 -24.19 -5.01 -6.75
CA SER B 76 -24.91 -4.21 -5.78
C SER B 76 -26.36 -4.10 -6.19
N PHE B 77 -27.25 -3.91 -5.23
CA PHE B 77 -28.67 -3.75 -5.52
C PHE B 77 -28.86 -2.31 -5.98
N ASP B 78 -27.82 -1.51 -5.73
CA ASP B 78 -27.77 -0.10 -6.10
C ASP B 78 -27.17 -0.01 -7.51
N ALA B 79 -28.04 0.21 -8.49
CA ALA B 79 -27.66 0.32 -9.88
C ALA B 79 -26.38 1.13 -10.09
N THR B 80 -26.28 2.24 -9.37
CA THR B 80 -25.12 3.12 -9.46
C THR B 80 -23.78 2.44 -9.17
N PHE B 81 -23.78 1.49 -8.25
CA PHE B 81 -22.52 0.82 -7.91
C PHE B 81 -22.42 -0.59 -8.46
N HIS B 82 -23.45 -1.02 -9.16
CA HIS B 82 -23.45 -2.35 -9.71
C HIS B 82 -22.54 -2.51 -10.92
N ALA B 83 -22.04 -3.74 -11.10
CA ALA B 83 -21.19 -4.07 -12.22
C ALA B 83 -20.07 -3.07 -12.49
N LYS B 84 -19.25 -2.79 -11.47
CA LYS B 84 -18.15 -1.86 -11.66
C LYS B 84 -16.84 -2.63 -11.66
N LYS B 85 -15.87 -2.06 -12.35
CA LYS B 85 -14.55 -2.65 -12.48
C LYS B 85 -13.50 -1.80 -11.75
N GLN B 86 -12.27 -2.28 -11.68
CA GLN B 86 -11.23 -1.51 -11.02
C GLN B 86 -9.85 -1.88 -11.52
N ILE B 87 -9.04 -0.87 -11.84
CA ILE B 87 -7.67 -1.11 -12.29
C ILE B 87 -6.69 -0.50 -11.28
N PRO B 88 -5.76 -1.30 -10.74
CA PRO B 88 -4.80 -0.72 -9.78
C PRO B 88 -3.88 0.23 -10.52
N CYS B 89 -3.15 1.05 -9.77
CA CYS B 89 -2.25 2.00 -10.39
C CYS B 89 -0.84 1.91 -9.79
N ILE B 90 0.13 1.55 -10.62
CA ILE B 90 1.51 1.45 -10.18
C ILE B 90 2.23 2.75 -10.45
N VAL B 91 2.82 3.36 -9.41
CA VAL B 91 3.54 4.61 -9.56
C VAL B 91 4.97 4.38 -9.08
N SER B 92 5.86 4.19 -10.05
CA SER B 92 7.26 3.92 -9.75
C SER B 92 8.23 5.04 -10.03
N MET B 93 9.02 5.36 -9.01
CA MET B 93 10.07 6.36 -9.10
C MET B 93 11.30 5.63 -8.61
N LEU B 94 11.26 4.31 -8.85
CA LEU B 94 12.32 3.40 -8.49
C LEU B 94 13.45 3.60 -9.47
N THR B 95 14.65 3.35 -9.01
CA THR B 95 15.86 3.54 -9.79
C THR B 95 16.49 2.25 -10.27
N LYS B 96 16.02 1.13 -9.73
CA LYS B 96 16.56 -0.17 -10.09
C LYS B 96 15.45 -1.21 -10.10
N GLU B 97 15.80 -2.41 -10.53
CA GLU B 97 14.85 -3.51 -10.56
C GLU B 97 14.85 -4.06 -9.14
N LEU B 98 13.67 -4.38 -8.64
CA LEU B 98 13.54 -4.89 -7.28
C LEU B 98 13.21 -6.37 -7.26
N TYR B 99 14.03 -7.14 -6.55
CA TYR B 99 13.83 -8.58 -6.42
C TYR B 99 13.81 -8.94 -4.94
N PHE B 100 12.86 -9.78 -4.54
CA PHE B 100 12.75 -10.19 -3.15
C PHE B 100 13.60 -11.42 -2.84
N TYR B 101 14.71 -11.58 -3.56
CA TYR B 101 15.60 -12.71 -3.34
C TYR B 101 17.04 -12.43 -3.82
#